data_5UXC
#
_entry.id   5UXC
#
_cell.length_a   49.556
_cell.length_b   77.002
_cell.length_c   94.409
_cell.angle_alpha   90.00
_cell.angle_beta   90.00
_cell.angle_gamma   90.00
#
_symmetry.space_group_name_H-M   'P 21 21 21'
#
loop_
_entity.id
_entity.type
_entity.pdbx_description
1 polymer 'Predicted aminoglycoside phosphotransferase'
2 non-polymer 'MAGNESIUM ION'
3 non-polymer "GUANOSINE-5'-DIPHOSPHATE"
4 non-polymer 'SULFATE ION'
5 non-polymer AZITHROMYCIN
6 non-polymer 'PHOSPHATE ION'
7 non-polymer 'CHLORIDE ION'
8 non-polymer 'TRIETHYLENE GLYCOL'
9 non-polymer GLYCEROL
10 water water
#
_entity_poly.entity_id   1
_entity_poly.type   'polypeptide(L)'
_entity_poly.pdbx_seq_one_letter_code
;G(MSE)PEDLDALLDLAARHGLDLDGGTLRTEEIGLDFRVAFARAHDGGDWVLRLPRRPDVLERAAVEGRLLA(MSE)LA
PHLDVAVPDWRISTSELIAYPLLPGSPGLTVAADGEVSWHVD(MSE)ASTVYARSLGSVVAQLHAVDAEAAAATGIEVRS
PAQVRGAWRQDLARVGAEFEIAPALRERWEAWLADDGCWPGHSVLTHGELYPAHTLVEDERITAVLDWTTAAVGDPAKDL
(MSE)FHQVSAPSAIFEVALQAYAEGGGRPWPGLARHCTE(MSE)FSAAPLGYGLYALATGEAAHREAAAAALNPPEER
;
_entity_poly.pdbx_strand_id   A
#
loop_
_chem_comp.id
_chem_comp.type
_chem_comp.name
_chem_comp.formula
CL non-polymer 'CHLORIDE ION' 'Cl -1'
GDP RNA linking GUANOSINE-5'-DIPHOSPHATE 'C10 H15 N5 O11 P2'
GOL non-polymer GLYCEROL 'C3 H8 O3'
MG non-polymer 'MAGNESIUM ION' 'Mg 2'
PGE non-polymer 'TRIETHYLENE GLYCOL' 'C6 H14 O4'
PO4 non-polymer 'PHOSPHATE ION' 'O4 P -3'
SO4 non-polymer 'SULFATE ION' 'O4 S -2'
ZIT non-polymer AZITHROMYCIN 'C38 H72 N2 O12'
#
# COMPACT_ATOMS: atom_id res chain seq x y z
N GLY A 1 -8.35 -17.38 12.09
CA GLY A 1 -8.38 -18.82 12.22
C GLY A 1 -7.07 -19.46 12.70
N MSE A 2 -7.21 -20.56 13.46
CA MSE A 2 -6.10 -21.39 13.98
C MSE A 2 -5.25 -21.99 12.85
O MSE A 2 -5.74 -22.83 12.09
CB MSE A 2 -6.64 -22.55 14.86
CG MSE A 2 -6.54 -22.44 16.43
SE MSE A 2 -6.31 -24.20 17.41
CE MSE A 2 -7.93 -25.14 16.91
N PRO A 3 -3.98 -21.60 12.76
CA PRO A 3 -3.12 -22.13 11.69
C PRO A 3 -2.91 -23.63 11.80
N GLU A 4 -2.91 -24.29 10.65
CA GLU A 4 -2.68 -25.72 10.60
C GLU A 4 -1.23 -26.05 10.98
N ASP A 5 -0.30 -25.13 10.71
CA ASP A 5 1.08 -25.30 11.12
C ASP A 5 1.40 -24.55 12.42
N LEU A 6 0.37 -24.34 13.26
CA LEU A 6 0.50 -23.69 14.57
C LEU A 6 1.76 -24.16 15.30
N ASP A 7 1.94 -25.48 15.33
CA ASP A 7 3.06 -26.13 16.00
CA ASP A 7 3.06 -26.08 16.06
C ASP A 7 4.39 -25.50 15.61
N ALA A 8 4.71 -25.59 14.32
CA ALA A 8 5.99 -25.09 13.81
C ALA A 8 6.13 -23.58 14.02
N LEU A 9 5.03 -22.84 13.94
CA LEU A 9 5.12 -21.39 14.05
C LEU A 9 5.53 -20.97 15.46
N LEU A 10 5.02 -21.67 16.49
CA LEU A 10 5.43 -21.37 17.86
C LEU A 10 6.91 -21.65 18.03
N ASP A 11 7.38 -22.76 17.47
CA ASP A 11 8.80 -23.12 17.51
C ASP A 11 9.64 -22.07 16.81
N LEU A 12 9.20 -21.65 15.63
CA LEU A 12 9.87 -20.60 14.88
C LEU A 12 9.97 -19.31 15.70
N ALA A 13 8.85 -18.87 16.27
CA ALA A 13 8.88 -17.62 17.02
C ALA A 13 9.77 -17.75 18.25
N ALA A 14 9.72 -18.89 18.94
CA ALA A 14 10.54 -19.09 20.14
C ALA A 14 12.03 -19.11 19.81
N ARG A 15 12.39 -19.71 18.68
CA ARG A 15 13.75 -19.66 18.21
C ARG A 15 14.25 -18.23 18.02
N HIS A 16 13.34 -17.27 17.78
CA HIS A 16 13.69 -15.87 17.60
C HIS A 16 13.51 -15.03 18.85
N GLY A 17 13.17 -15.63 19.98
CA GLY A 17 13.04 -14.90 21.21
C GLY A 17 11.62 -14.48 21.55
N LEU A 18 10.62 -14.92 20.79
CA LEU A 18 9.26 -14.49 21.01
C LEU A 18 8.46 -15.67 21.56
N ASP A 19 8.06 -15.56 22.82
CA ASP A 19 7.38 -16.65 23.55
CA ASP A 19 7.38 -16.65 23.54
C ASP A 19 5.87 -16.40 23.47
N LEU A 20 5.21 -17.02 22.51
CA LEU A 20 3.82 -16.72 22.24
C LEU A 20 2.86 -17.71 22.92
N ASP A 21 1.69 -17.18 23.29
CA ASP A 21 0.58 -18.02 23.75
C ASP A 21 -0.14 -18.56 22.50
N GLY A 22 0.09 -19.84 22.24
CA GLY A 22 -0.33 -20.43 20.97
C GLY A 22 -1.84 -20.40 20.75
N GLY A 23 -2.61 -20.25 21.83
N GLY A 23 -2.61 -20.29 21.83
CA GLY A 23 -4.06 -20.10 21.85
CA GLY A 23 -4.05 -20.17 21.65
C GLY A 23 -4.56 -18.71 21.50
C GLY A 23 -4.42 -18.90 20.91
N THR A 24 -3.64 -17.83 21.12
CA THR A 24 -3.96 -16.52 20.56
C THR A 24 -3.51 -16.34 19.13
N LEU A 25 -2.74 -17.28 18.58
CA LEU A 25 -2.11 -17.10 17.27
C LEU A 25 -3.14 -17.42 16.19
N ARG A 26 -3.57 -16.40 15.42
CA ARG A 26 -4.56 -16.66 14.37
C ARG A 26 -4.17 -15.92 13.10
N THR A 27 -4.37 -16.60 11.99
CA THR A 27 -4.05 -16.00 10.70
C THR A 27 -5.03 -14.86 10.42
N GLU A 28 -4.51 -13.68 10.09
CA GLU A 28 -5.34 -12.52 9.78
C GLU A 28 -5.58 -12.35 8.28
N GLU A 29 -4.54 -12.54 7.47
CA GLU A 29 -4.64 -12.25 6.05
C GLU A 29 -3.54 -13.02 5.34
N ILE A 30 -3.86 -13.63 4.22
CA ILE A 30 -2.86 -14.29 3.41
C ILE A 30 -2.66 -13.47 2.15
N GLY A 31 -1.53 -12.75 2.09
CA GLY A 31 -1.20 -11.93 0.96
C GLY A 31 -0.48 -12.69 -0.13
N LEU A 32 -0.16 -11.98 -1.21
CA LEU A 32 0.57 -12.60 -2.31
CA LEU A 32 0.57 -12.60 -2.31
C LEU A 32 1.99 -12.98 -1.88
N ASP A 33 2.59 -12.22 -0.94
CA ASP A 33 3.97 -12.40 -0.51
C ASP A 33 4.11 -12.85 0.92
N PHE A 34 3.25 -12.36 1.83
CA PHE A 34 3.34 -12.68 3.25
CA PHE A 34 3.34 -12.71 3.24
C PHE A 34 2.01 -13.22 3.77
N ARG A 35 2.10 -14.26 4.60
CA ARG A 35 1.00 -14.64 5.47
C ARG A 35 1.14 -13.80 6.74
N VAL A 36 0.07 -13.14 7.16
CA VAL A 36 0.11 -12.24 8.31
C VAL A 36 -0.77 -12.83 9.40
N ALA A 37 -0.24 -12.91 10.64
CA ALA A 37 -0.94 -13.48 11.80
C ALA A 37 -0.81 -12.53 12.99
N PHE A 38 -1.79 -12.58 13.90
CA PHE A 38 -1.73 -11.84 15.15
C PHE A 38 -1.42 -12.82 16.27
N ALA A 39 -0.70 -12.39 17.31
CA ALA A 39 -0.57 -13.30 18.47
C ALA A 39 -0.20 -12.48 19.69
N ARG A 40 -0.53 -13.00 20.87
CA ARG A 40 -0.12 -12.38 22.12
C ARG A 40 1.04 -13.14 22.77
N ALA A 41 2.02 -12.41 23.27
CA ALA A 41 3.11 -13.04 24.02
C ALA A 41 2.67 -13.33 25.45
N HIS A 42 3.34 -14.29 26.06
CA HIS A 42 3.01 -14.63 27.44
C HIS A 42 3.22 -13.46 28.39
N ASP A 43 4.12 -12.51 28.05
CA ASP A 43 4.27 -11.30 28.86
C ASP A 43 3.19 -10.26 28.60
N GLY A 44 2.20 -10.56 27.76
CA GLY A 44 1.07 -9.70 27.53
C GLY A 44 1.17 -8.86 26.27
N GLY A 45 2.33 -8.76 25.65
CA GLY A 45 2.46 -7.88 24.49
C GLY A 45 1.80 -8.48 23.25
N ASP A 46 1.21 -7.62 22.41
CA ASP A 46 0.57 -8.12 21.21
C ASP A 46 1.50 -7.96 20.01
N TRP A 47 1.44 -8.93 19.09
CA TRP A 47 2.43 -9.02 18.02
C TRP A 47 1.78 -9.32 16.68
N VAL A 48 2.38 -8.79 15.62
CA VAL A 48 2.05 -9.17 14.25
C VAL A 48 3.20 -9.99 13.70
N LEU A 49 2.90 -11.17 13.14
CA LEU A 49 3.86 -12.04 12.47
C LEU A 49 3.69 -11.92 10.95
N ARG A 50 4.78 -11.67 10.22
CA ARG A 50 4.78 -11.73 8.77
CA ARG A 50 4.79 -11.72 8.76
C ARG A 50 5.60 -12.94 8.34
N LEU A 51 4.96 -13.87 7.65
CA LEU A 51 5.63 -15.10 7.27
C LEU A 51 5.82 -15.10 5.76
N PRO A 52 7.06 -15.06 5.29
CA PRO A 52 7.30 -15.05 3.83
C PRO A 52 6.85 -16.37 3.21
N ARG A 53 6.13 -16.28 2.10
CA ARG A 53 5.55 -17.47 1.51
C ARG A 53 6.47 -18.16 0.53
N ARG A 54 7.52 -17.48 0.05
CA ARG A 54 8.47 -18.03 -0.90
C ARG A 54 9.78 -17.28 -0.75
N PRO A 55 10.91 -17.95 -1.00
CA PRO A 55 12.21 -17.28 -0.79
C PRO A 55 12.43 -16.07 -1.69
N ASP A 56 11.76 -15.99 -2.85
CA ASP A 56 11.90 -14.84 -3.72
C ASP A 56 11.32 -13.55 -3.13
N VAL A 57 10.70 -13.62 -1.96
CA VAL A 57 10.14 -12.44 -1.30
C VAL A 57 11.19 -11.75 -0.45
N LEU A 58 12.32 -12.41 -0.18
CA LEU A 58 13.20 -12.00 0.91
C LEU A 58 13.95 -10.72 0.57
N GLU A 59 14.38 -10.54 -0.69
CA GLU A 59 15.18 -9.35 -0.94
C GLU A 59 14.30 -8.11 -0.93
N ARG A 60 13.03 -8.22 -1.36
CA ARG A 60 12.11 -7.11 -1.19
C ARG A 60 11.81 -6.83 0.28
N ALA A 61 11.71 -7.89 1.08
CA ALA A 61 11.48 -7.68 2.50
C ALA A 61 12.66 -6.95 3.15
N ALA A 62 13.88 -7.28 2.73
CA ALA A 62 15.05 -6.63 3.29
C ALA A 62 15.09 -5.15 2.94
N VAL A 63 14.72 -4.79 1.70
CA VAL A 63 14.60 -3.37 1.34
C VAL A 63 13.54 -2.68 2.20
N GLU A 64 12.38 -3.31 2.36
CA GLU A 64 11.34 -2.69 3.18
C GLU A 64 11.83 -2.47 4.61
N GLY A 65 12.58 -3.43 5.15
CA GLY A 65 13.12 -3.21 6.47
C GLY A 65 14.04 -2.00 6.54
N ARG A 66 14.91 -1.83 5.53
CA ARG A 66 15.80 -0.68 5.53
C ARG A 66 14.98 0.60 5.45
N LEU A 67 13.99 0.59 4.58
CA LEU A 67 13.08 1.74 4.46
C LEU A 67 12.47 2.13 5.82
N LEU A 68 11.88 1.12 6.48
CA LEU A 68 11.18 1.39 7.73
C LEU A 68 12.12 1.94 8.78
N ALA A 69 13.37 1.46 8.81
CA ALA A 69 14.32 1.95 9.80
C ALA A 69 14.63 3.45 9.61
N MSE A 70 14.76 3.89 8.36
CA MSE A 70 15.08 5.31 8.13
C MSE A 70 13.82 6.16 8.22
O MSE A 70 13.94 7.30 8.62
CB MSE A 70 15.77 5.54 6.77
CG MSE A 70 15.02 5.20 5.56
SE MSE A 70 13.94 6.76 4.89
CE MSE A 70 15.18 8.17 4.92
N LEU A 71 12.66 5.57 7.91
CA LEU A 71 11.42 6.35 7.76
C LEU A 71 10.81 6.72 9.11
N ALA A 72 10.81 5.80 10.08
CA ALA A 72 9.99 5.99 11.27
C ALA A 72 10.20 7.33 11.96
N PRO A 73 11.43 7.86 12.13
CA PRO A 73 11.58 9.12 12.87
C PRO A 73 10.92 10.31 12.19
N HIS A 74 10.61 10.20 10.92
CA HIS A 74 10.14 11.33 10.13
C HIS A 74 8.64 11.51 10.15
N LEU A 75 7.88 10.55 10.73
CA LEU A 75 6.42 10.57 10.60
C LEU A 75 5.78 10.65 11.98
N ASP A 76 4.67 11.43 12.09
CA ASP A 76 3.87 11.48 13.31
C ASP A 76 2.70 10.47 13.28
N VAL A 77 2.91 9.36 12.63
CA VAL A 77 2.08 8.17 12.79
C VAL A 77 3.06 7.03 13.02
N ALA A 78 2.59 5.95 13.66
CA ALA A 78 3.45 4.79 13.87
C ALA A 78 3.63 4.02 12.58
N VAL A 79 4.78 3.37 12.40
CA VAL A 79 4.93 2.41 11.31
C VAL A 79 5.49 1.13 11.90
N PRO A 80 5.41 -0.01 11.19
CA PRO A 80 5.81 -1.29 11.83
C PRO A 80 7.27 -1.25 12.26
N ASP A 81 7.51 -1.70 13.49
CA ASP A 81 8.87 -1.70 14.07
C ASP A 81 9.27 -3.15 14.11
N TRP A 82 10.07 -3.54 13.11
CA TRP A 82 10.40 -4.96 12.88
C TRP A 82 11.50 -5.45 13.86
N ARG A 83 11.07 -5.69 15.07
CA ARG A 83 11.96 -6.10 16.16
C ARG A 83 12.54 -7.48 15.88
N ILE A 84 11.84 -8.30 15.09
CA ILE A 84 12.45 -9.50 14.56
C ILE A 84 12.39 -9.38 13.05
N SER A 85 13.51 -9.63 12.39
CA SER A 85 13.50 -9.57 10.93
CA SER A 85 13.49 -9.58 10.94
C SER A 85 14.60 -10.49 10.40
N THR A 86 14.21 -11.69 10.01
CA THR A 86 15.12 -12.69 9.49
C THR A 86 14.54 -13.23 8.19
N SER A 87 15.25 -14.19 7.61
CA SER A 87 14.78 -14.86 6.41
C SER A 87 13.51 -15.65 6.68
N GLU A 88 13.35 -16.16 7.91
CA GLU A 88 12.24 -17.01 8.25
C GLU A 88 11.06 -16.30 8.89
N LEU A 89 11.24 -15.09 9.44
CA LEU A 89 10.19 -14.46 10.24
C LEU A 89 10.44 -12.97 10.35
N ILE A 90 9.40 -12.18 10.12
CA ILE A 90 9.35 -10.80 10.54
C ILE A 90 8.25 -10.67 11.58
N ALA A 91 8.51 -9.87 12.63
CA ALA A 91 7.48 -9.66 13.63
C ALA A 91 7.61 -8.26 14.21
N TYR A 92 6.48 -7.63 14.52
CA TYR A 92 6.51 -6.27 15.03
C TYR A 92 5.40 -6.15 16.04
N PRO A 93 5.58 -5.30 17.06
CA PRO A 93 4.49 -5.05 18.01
C PRO A 93 3.26 -4.52 17.29
N LEU A 94 2.11 -5.04 17.72
CA LEU A 94 0.83 -4.62 17.14
C LEU A 94 0.64 -3.14 17.31
N LEU A 95 0.31 -2.44 16.10
CA LEU A 95 0.19 -1.00 16.14
C LEU A 95 -1.24 -0.63 16.56
N PRO A 96 -1.39 0.50 17.23
CA PRO A 96 -2.71 0.86 17.79
C PRO A 96 -3.64 1.43 16.73
N GLY A 97 -4.94 1.32 17.01
CA GLY A 97 -6.00 1.80 16.11
C GLY A 97 -6.66 0.65 15.37
N SER A 98 -7.67 1.01 14.59
CA SER A 98 -8.45 0.05 13.85
C SER A 98 -8.28 0.33 12.36
N PRO A 99 -8.15 -0.70 11.53
CA PRO A 99 -8.04 -0.48 10.08
C PRO A 99 -9.26 0.30 9.58
N GLY A 100 -9.02 1.28 8.71
CA GLY A 100 -10.13 2.08 8.18
C GLY A 100 -11.10 1.27 7.34
N LEU A 101 -10.61 0.22 6.69
CA LEU A 101 -11.50 -0.80 6.17
C LEU A 101 -10.78 -2.14 6.23
N THR A 102 -11.54 -3.23 6.10
CA THR A 102 -10.94 -4.55 6.01
C THR A 102 -11.53 -5.31 4.84
N VAL A 103 -10.66 -5.95 4.05
CA VAL A 103 -11.08 -6.72 2.87
C VAL A 103 -10.96 -8.19 3.22
N ALA A 104 -12.09 -8.88 3.29
CA ALA A 104 -12.09 -10.30 3.61
C ALA A 104 -11.43 -11.11 2.49
N ALA A 105 -11.24 -12.41 2.79
CA ALA A 105 -10.75 -13.33 1.78
C ALA A 105 -11.73 -13.48 0.62
N ASP A 106 -13.04 -13.47 0.91
CA ASP A 106 -14.09 -13.53 -0.11
C ASP A 106 -14.32 -12.19 -0.81
N GLY A 107 -13.43 -11.20 -0.63
CA GLY A 107 -13.47 -9.95 -1.36
C GLY A 107 -14.40 -8.89 -0.83
N GLU A 108 -15.36 -9.25 0.04
CA GLU A 108 -16.27 -8.28 0.63
C GLU A 108 -15.52 -7.31 1.56
N VAL A 109 -15.97 -6.06 1.58
CA VAL A 109 -15.28 -4.97 2.27
C VAL A 109 -16.13 -4.49 3.44
N SER A 110 -15.50 -4.30 4.60
CA SER A 110 -16.16 -3.78 5.77
C SER A 110 -15.50 -2.45 6.13
N TRP A 111 -16.29 -1.38 6.21
CA TRP A 111 -15.78 -0.03 6.37
C TRP A 111 -15.89 0.43 7.81
N HIS A 112 -14.78 0.95 8.35
CA HIS A 112 -14.78 1.48 9.70
C HIS A 112 -14.76 3.00 9.72
N VAL A 113 -14.16 3.64 8.74
CA VAL A 113 -14.14 5.09 8.63
C VAL A 113 -14.84 5.47 7.34
N ASP A 114 -15.57 6.57 7.39
CA ASP A 114 -16.34 7.00 6.23
C ASP A 114 -15.55 8.03 5.43
N MSE A 115 -15.54 7.89 4.11
CA MSE A 115 -14.71 8.80 3.29
C MSE A 115 -15.26 10.23 3.21
O MSE A 115 -14.57 11.11 2.67
CB MSE A 115 -14.56 8.23 1.86
CG MSE A 115 -13.69 6.97 1.79
SE MSE A 115 -11.87 7.03 2.48
CE MSE A 115 -12.23 6.75 4.35
N ALA A 116 -16.46 10.49 3.73
CA ALA A 116 -16.87 11.89 3.84
C ALA A 116 -16.28 12.59 5.08
N SER A 117 -15.44 11.92 5.85
CA SER A 117 -14.97 12.46 7.12
C SER A 117 -13.99 13.61 6.89
N THR A 118 -14.27 14.81 7.42
CA THR A 118 -13.29 15.88 7.35
CA THR A 118 -13.28 15.87 7.33
C THR A 118 -12.09 15.60 8.25
N VAL A 119 -12.31 14.95 9.40
CA VAL A 119 -11.17 14.62 10.27
C VAL A 119 -10.21 13.67 9.57
N TYR A 120 -10.76 12.61 8.95
CA TYR A 120 -9.90 11.67 8.22
C TYR A 120 -9.17 12.38 7.08
N ALA A 121 -9.87 13.24 6.32
CA ALA A 121 -9.21 13.91 5.20
C ALA A 121 -8.03 14.77 5.67
N ARG A 122 -8.22 15.51 6.74
CA ARG A 122 -7.17 16.36 7.27
C ARG A 122 -6.00 15.51 7.75
N SER A 123 -6.32 14.42 8.42
CA SER A 123 -5.26 13.52 8.90
C SER A 123 -4.45 12.93 7.75
N LEU A 124 -5.16 12.49 6.69
CA LEU A 124 -4.51 11.86 5.56
C LEU A 124 -3.64 12.90 4.84
N GLY A 125 -4.18 14.10 4.56
CA GLY A 125 -3.36 15.11 3.92
C GLY A 125 -2.08 15.41 4.71
N SER A 126 -2.20 15.49 6.03
CA SER A 126 -1.05 15.79 6.88
CA SER A 126 -1.06 15.78 6.88
C SER A 126 0.00 14.67 6.84
N VAL A 127 -0.44 13.40 7.00
CA VAL A 127 0.53 12.31 6.99
C VAL A 127 1.19 12.20 5.63
N VAL A 128 0.45 12.39 4.54
CA VAL A 128 1.05 12.29 3.22
C VAL A 128 2.03 13.43 2.98
N ALA A 129 1.75 14.64 3.49
CA ALA A 129 2.75 15.69 3.37
C ALA A 129 4.05 15.33 4.11
N GLN A 130 3.93 14.76 5.30
CA GLN A 130 5.14 14.39 6.05
C GLN A 130 5.95 13.32 5.33
N LEU A 131 5.27 12.37 4.70
CA LEU A 131 5.99 11.33 3.98
C LEU A 131 6.67 11.93 2.77
N HIS A 132 5.92 12.75 2.04
CA HIS A 132 6.41 13.38 0.85
C HIS A 132 7.57 14.30 1.11
N ALA A 133 7.78 14.70 2.37
CA ALA A 133 8.88 15.62 2.73
C ALA A 133 10.19 14.91 3.00
N VAL A 134 10.17 13.59 3.06
CA VAL A 134 11.33 12.79 3.41
C VAL A 134 12.37 12.91 2.31
N ASP A 135 13.62 13.14 2.69
CA ASP A 135 14.66 13.35 1.69
C ASP A 135 14.72 12.16 0.72
N ALA A 136 14.56 12.42 -0.57
CA ALA A 136 14.42 11.29 -1.49
C ALA A 136 15.75 10.58 -1.76
N GLU A 137 16.90 11.27 -1.60
CA GLU A 137 18.19 10.60 -1.73
C GLU A 137 18.42 9.63 -0.57
N ALA A 138 18.09 10.07 0.64
CA ALA A 138 18.16 9.18 1.78
C ALA A 138 17.22 7.99 1.59
N ALA A 139 16.04 8.23 1.00
CA ALA A 139 15.15 7.08 0.79
C ALA A 139 15.69 6.16 -0.29
N ALA A 140 16.28 6.71 -1.37
CA ALA A 140 16.81 5.87 -2.43
C ALA A 140 17.95 4.98 -1.93
N ALA A 141 18.68 5.43 -0.91
CA ALA A 141 19.77 4.60 -0.39
C ALA A 141 19.28 3.28 0.21
N THR A 142 18.00 3.16 0.58
CA THR A 142 17.48 1.90 1.12
C THR A 142 17.38 0.79 0.08
N GLY A 143 17.35 1.14 -1.22
CA GLY A 143 17.21 0.15 -2.27
C GLY A 143 15.84 0.16 -2.95
N ILE A 144 14.93 1.03 -2.52
CA ILE A 144 13.61 1.09 -3.16
C ILE A 144 13.77 1.57 -4.59
N GLU A 145 12.72 1.32 -5.38
CA GLU A 145 12.67 1.76 -6.78
C GLU A 145 12.61 3.29 -6.83
N VAL A 146 13.18 3.88 -7.86
CA VAL A 146 13.26 5.33 -7.98
C VAL A 146 12.90 5.72 -9.41
N ARG A 147 11.90 6.58 -9.57
CA ARG A 147 11.56 7.08 -10.89
C ARG A 147 11.45 8.60 -10.86
N SER A 148 12.11 9.27 -11.82
CA SER A 148 11.95 10.70 -12.04
C SER A 148 10.56 10.95 -12.62
N PRO A 149 10.10 12.23 -12.67
CA PRO A 149 8.79 12.48 -13.33
C PRO A 149 8.70 11.93 -14.73
N ALA A 150 9.76 12.05 -15.52
CA ALA A 150 9.74 11.50 -16.87
C ALA A 150 9.62 9.99 -16.86
N GLN A 151 10.31 9.33 -15.90
CA GLN A 151 10.24 7.87 -15.85
C GLN A 151 8.87 7.40 -15.32
N VAL A 152 8.21 8.18 -14.45
CA VAL A 152 6.86 7.84 -14.01
C VAL A 152 5.94 7.76 -15.21
N ARG A 153 5.97 8.79 -16.05
CA ARG A 153 5.08 8.85 -17.20
C ARG A 153 5.48 7.83 -18.28
N GLY A 154 6.79 7.63 -18.42
CA GLY A 154 7.30 6.60 -19.32
C GLY A 154 6.88 5.19 -18.92
N ALA A 155 6.82 4.93 -17.60
CA ALA A 155 6.43 3.59 -17.15
C ALA A 155 4.97 3.29 -17.49
N TRP A 156 4.12 4.29 -17.34
CA TRP A 156 2.71 4.10 -17.72
C TRP A 156 2.57 3.90 -19.22
N ARG A 157 3.33 4.64 -20.02
CA ARG A 157 3.27 4.50 -21.47
C ARG A 157 3.74 3.11 -21.87
N GLN A 158 4.81 2.62 -21.22
CA GLN A 158 5.30 1.27 -21.49
C GLN A 158 4.30 0.21 -21.05
N ASP A 159 3.64 0.43 -19.91
CA ASP A 159 2.65 -0.55 -19.45
C ASP A 159 1.46 -0.64 -20.41
N LEU A 160 0.96 0.50 -20.92
CA LEU A 160 -0.11 0.44 -21.90
C LEU A 160 0.32 -0.38 -23.12
N ALA A 161 1.57 -0.21 -23.56
CA ALA A 161 2.03 -0.97 -24.71
C ALA A 161 2.16 -2.45 -24.38
N ARG A 162 2.74 -2.79 -23.22
CA ARG A 162 2.91 -4.20 -22.92
C ARG A 162 1.57 -4.89 -22.77
N VAL A 163 0.60 -4.23 -22.11
CA VAL A 163 -0.69 -4.89 -21.89
C VAL A 163 -1.44 -4.99 -23.21
N GLY A 164 -1.36 -3.96 -24.06
CA GLY A 164 -2.06 -3.99 -25.34
C GLY A 164 -1.52 -5.01 -26.32
N ALA A 165 -0.27 -5.44 -26.13
CA ALA A 165 0.29 -6.50 -26.93
C ALA A 165 -0.25 -7.87 -26.55
N GLU A 166 -0.79 -8.02 -25.34
CA GLU A 166 -1.22 -9.33 -24.84
C GLU A 166 -2.73 -9.45 -24.65
N PHE A 167 -3.47 -8.34 -24.68
CA PHE A 167 -4.90 -8.31 -24.40
C PHE A 167 -5.59 -7.41 -25.41
N GLU A 168 -6.86 -7.72 -25.70
CA GLU A 168 -7.71 -6.80 -26.46
C GLU A 168 -8.21 -5.71 -25.54
N ILE A 169 -7.89 -4.45 -25.84
CA ILE A 169 -8.33 -3.33 -25.02
C ILE A 169 -9.43 -2.59 -25.74
N ALA A 170 -10.52 -2.27 -25.03
CA ALA A 170 -11.63 -1.59 -25.69
C ALA A 170 -11.13 -0.27 -26.28
N PRO A 171 -11.50 0.06 -27.51
CA PRO A 171 -10.97 1.30 -28.11
C PRO A 171 -11.26 2.55 -27.32
N ALA A 172 -12.43 2.64 -26.67
CA ALA A 172 -12.73 3.81 -25.85
C ALA A 172 -11.83 3.91 -24.63
N LEU A 173 -11.46 2.76 -24.01
CA LEU A 173 -10.49 2.82 -22.92
C LEU A 173 -9.11 3.19 -23.41
N ARG A 174 -8.64 2.60 -24.50
CA ARG A 174 -7.31 2.98 -24.99
C ARG A 174 -7.25 4.47 -25.30
N GLU A 175 -8.29 5.01 -25.93
CA GLU A 175 -8.27 6.42 -26.28
C GLU A 175 -8.27 7.30 -25.04
N ARG A 176 -9.02 6.92 -24.01
CA ARG A 176 -8.99 7.70 -22.76
C ARG A 176 -7.60 7.71 -22.16
N TRP A 177 -6.96 6.52 -22.08
CA TRP A 177 -5.63 6.44 -21.45
C TRP A 177 -4.57 7.15 -22.28
N GLU A 178 -4.68 7.09 -23.63
CA GLU A 178 -3.75 7.83 -24.47
C GLU A 178 -3.93 9.31 -24.30
N ALA A 179 -5.17 9.76 -24.13
CA ALA A 179 -5.38 11.19 -23.90
C ALA A 179 -4.81 11.63 -22.57
N TRP A 180 -4.95 10.78 -21.55
CA TRP A 180 -4.33 11.03 -20.24
C TRP A 180 -2.81 11.11 -20.31
N LEU A 181 -2.18 10.13 -20.96
CA LEU A 181 -0.72 10.15 -21.12
C LEU A 181 -0.26 11.39 -21.87
N ALA A 182 -1.08 11.87 -22.79
CA ALA A 182 -0.68 13.01 -23.59
C ALA A 182 -0.80 14.33 -22.86
N ASP A 183 -1.58 14.41 -21.78
CA ASP A 183 -2.00 15.71 -21.17
C ASP A 183 -0.97 16.13 -20.11
N ASP A 184 -0.12 17.11 -20.45
CA ASP A 184 0.92 17.52 -19.49
C ASP A 184 0.33 18.02 -18.17
N GLY A 185 -0.87 18.57 -18.21
CA GLY A 185 -1.47 19.14 -17.01
C GLY A 185 -1.66 18.10 -15.95
N CYS A 186 -1.83 16.85 -16.35
CA CYS A 186 -2.09 15.81 -15.33
C CYS A 186 -0.84 15.39 -14.58
N TRP A 187 0.33 15.51 -15.21
CA TRP A 187 1.48 14.73 -14.72
C TRP A 187 2.31 15.52 -13.70
N PRO A 188 2.89 14.87 -12.68
CA PRO A 188 3.70 15.60 -11.70
C PRO A 188 4.96 16.15 -12.33
N GLY A 189 5.45 17.27 -11.75
CA GLY A 189 6.74 17.83 -12.12
C GLY A 189 7.85 17.47 -11.15
N HIS A 190 7.54 16.73 -10.09
CA HIS A 190 8.53 16.31 -9.10
C HIS A 190 8.19 14.92 -8.59
N SER A 191 9.21 14.18 -8.16
CA SER A 191 9.00 12.86 -7.54
C SER A 191 9.29 12.95 -6.04
N VAL A 192 8.62 12.10 -5.25
CA VAL A 192 8.79 12.10 -3.80
C VAL A 192 8.79 10.67 -3.32
N LEU A 193 9.21 10.46 -2.08
CA LEU A 193 8.98 9.14 -1.49
C LEU A 193 7.48 8.91 -1.31
N THR A 194 7.00 7.78 -1.84
CA THR A 194 5.59 7.41 -1.77
C THR A 194 5.42 6.05 -1.10
N HIS A 195 4.20 5.87 -0.57
CA HIS A 195 3.84 4.59 0.02
C HIS A 195 3.48 3.57 -1.04
N GLY A 196 2.63 3.95 -2.00
CA GLY A 196 2.34 3.12 -3.16
C GLY A 196 1.09 2.27 -3.06
N GLU A 197 0.58 2.09 -1.87
CA GLU A 197 -0.69 1.37 -1.73
C GLU A 197 -1.45 1.98 -0.57
N LEU A 198 -1.60 3.31 -0.59
CA LEU A 198 -2.13 4.04 0.55
C LEU A 198 -3.65 4.14 0.37
N TYR A 199 -4.38 3.34 1.13
CA TYR A 199 -5.84 3.34 1.20
C TYR A 199 -6.18 2.84 2.60
N PRO A 200 -7.46 2.86 3.01
CA PRO A 200 -7.76 2.71 4.43
C PRO A 200 -7.50 1.34 5.01
N ALA A 201 -7.29 0.29 4.21
CA ALA A 201 -6.85 -0.99 4.79
C ALA A 201 -5.49 -0.86 5.45
N HIS A 202 -4.69 0.10 4.99
CA HIS A 202 -3.35 0.24 5.55
C HIS A 202 -3.21 1.49 6.42
N THR A 203 -4.32 2.20 6.75
CA THR A 203 -4.26 3.31 7.71
C THR A 203 -5.09 2.95 8.95
N LEU A 204 -4.42 2.72 10.08
CA LEU A 204 -5.18 2.51 11.29
C LEU A 204 -5.67 3.85 11.82
N VAL A 205 -6.87 3.85 12.38
CA VAL A 205 -7.45 5.08 12.91
C VAL A 205 -7.97 4.91 14.33
N GLU A 206 -8.10 6.06 15.01
CA GLU A 206 -8.91 6.17 16.20
C GLU A 206 -9.62 7.52 16.17
N ASP A 207 -10.95 7.53 16.36
CA ASP A 207 -11.73 8.77 16.26
C ASP A 207 -11.44 9.51 14.96
N GLU A 208 -11.33 8.72 13.88
CA GLU A 208 -11.20 9.14 12.49
C GLU A 208 -9.83 9.72 12.18
N ARG A 209 -8.88 9.69 13.12
CA ARG A 209 -7.54 10.20 12.86
C ARG A 209 -6.58 9.03 12.69
N ILE A 210 -5.62 9.20 11.80
CA ILE A 210 -4.68 8.11 11.50
C ILE A 210 -3.66 7.96 12.61
N THR A 211 -3.53 6.74 13.13
CA THR A 211 -2.55 6.48 14.19
C THR A 211 -1.35 5.74 13.66
N ALA A 212 -1.50 5.04 12.55
CA ALA A 212 -0.42 4.17 12.05
C ALA A 212 -0.67 3.90 10.58
N VAL A 213 0.40 3.63 9.85
CA VAL A 213 0.35 3.28 8.43
C VAL A 213 1.13 1.99 8.21
N LEU A 214 0.47 1.01 7.64
CA LEU A 214 0.95 -0.36 7.50
C LEU A 214 1.48 -0.61 6.09
N ASP A 215 2.28 -1.67 5.95
CA ASP A 215 2.51 -2.39 4.67
C ASP A 215 3.25 -1.54 3.66
N TRP A 216 4.56 -1.45 3.87
CA TRP A 216 5.39 -0.53 3.10
C TRP A 216 6.13 -1.22 1.95
N THR A 217 5.67 -2.40 1.53
CA THR A 217 6.42 -3.13 0.52
CA THR A 217 6.35 -3.16 0.49
C THR A 217 6.47 -2.39 -0.81
N THR A 218 5.46 -1.56 -1.11
CA THR A 218 5.38 -0.89 -2.40
C THR A 218 6.07 0.49 -2.42
N ALA A 219 6.77 0.86 -1.35
CA ALA A 219 7.33 2.19 -1.23
C ALA A 219 8.37 2.41 -2.31
N ALA A 220 8.38 3.62 -2.87
CA ALA A 220 9.23 3.94 -4.02
C ALA A 220 9.30 5.46 -4.11
N VAL A 221 10.31 5.97 -4.80
CA VAL A 221 10.30 7.39 -5.15
C VAL A 221 9.59 7.53 -6.48
N GLY A 222 8.57 8.40 -6.54
CA GLY A 222 7.72 8.42 -7.72
C GLY A 222 6.61 9.46 -7.59
N ASP A 223 5.45 9.16 -8.21
CA ASP A 223 4.39 10.16 -8.37
C ASP A 223 3.64 10.49 -7.07
N PRO A 224 3.68 11.74 -6.59
CA PRO A 224 3.01 12.10 -5.35
C PRO A 224 1.53 11.71 -5.38
N ALA A 225 0.90 11.79 -6.56
CA ALA A 225 -0.55 11.60 -6.60
C ALA A 225 -0.96 10.19 -6.20
N LYS A 226 -0.05 9.21 -6.31
CA LYS A 226 -0.50 7.84 -6.08
C LYS A 226 -0.96 7.64 -4.64
N ASP A 227 -0.46 8.44 -3.68
CA ASP A 227 -0.85 8.30 -2.27
C ASP A 227 -2.11 9.08 -1.94
N LEU A 228 -2.56 9.93 -2.84
CA LEU A 228 -3.84 10.60 -2.68
C LEU A 228 -4.95 10.02 -3.54
N MSE A 229 -4.62 9.16 -4.50
CA MSE A 229 -5.61 8.64 -5.42
C MSE A 229 -6.83 8.02 -4.83
O MSE A 229 -7.94 8.37 -5.23
CB MSE A 229 -4.98 7.62 -6.39
CG MSE A 229 -5.93 7.19 -7.51
SE MSE A 229 -5.44 5.37 -8.16
CE MSE A 229 -6.20 4.40 -6.62
N PHE A 230 -6.66 7.12 -3.87
CA PHE A 230 -7.82 6.41 -3.35
C PHE A 230 -8.79 7.39 -2.72
N HIS A 231 -8.27 8.40 -2.01
CA HIS A 231 -9.13 9.39 -1.40
C HIS A 231 -9.84 10.22 -2.44
N GLN A 232 -9.11 10.60 -3.49
CA GLN A 232 -9.73 11.41 -4.55
C GLN A 232 -10.91 10.67 -5.18
N VAL A 233 -10.78 9.36 -5.38
CA VAL A 233 -11.86 8.72 -6.12
C VAL A 233 -13.00 8.32 -5.20
N SER A 234 -12.75 8.26 -3.88
CA SER A 234 -13.75 7.78 -2.93
CA SER A 234 -13.77 7.78 -2.96
C SER A 234 -14.42 8.86 -2.10
N ALA A 235 -13.79 9.99 -1.91
CA ALA A 235 -14.35 11.11 -1.11
C ALA A 235 -15.07 12.12 -1.98
N PRO A 236 -16.10 12.80 -1.45
CA PRO A 236 -16.69 13.93 -2.18
C PRO A 236 -15.61 14.97 -2.53
N SER A 237 -15.78 15.69 -3.63
CA SER A 237 -14.74 16.64 -4.03
CA SER A 237 -14.74 16.65 -4.03
C SER A 237 -14.44 17.65 -2.93
N ALA A 238 -15.47 18.12 -2.22
CA ALA A 238 -15.23 19.13 -1.17
C ALA A 238 -14.39 18.56 -0.04
N ILE A 239 -14.47 17.24 0.21
CA ILE A 239 -13.63 16.62 1.25
C ILE A 239 -12.23 16.32 0.74
N PHE A 240 -12.08 15.92 -0.51
CA PHE A 240 -10.72 15.87 -1.06
C PHE A 240 -10.03 17.24 -0.98
N GLU A 241 -10.78 18.34 -1.15
CA GLU A 241 -10.14 19.65 -1.01
C GLU A 241 -9.63 19.87 0.42
N VAL A 242 -10.30 19.30 1.43
CA VAL A 242 -9.79 19.38 2.80
C VAL A 242 -8.45 18.64 2.92
N ALA A 243 -8.35 17.47 2.29
CA ALA A 243 -7.07 16.75 2.28
C ALA A 243 -6.01 17.54 1.50
N LEU A 244 -6.38 18.13 0.35
CA LEU A 244 -5.38 18.93 -0.37
C LEU A 244 -4.91 20.10 0.48
N GLN A 245 -5.83 20.75 1.19
CA GLN A 245 -5.40 21.88 2.01
C GLN A 245 -4.44 21.44 3.12
N ALA A 246 -4.72 20.30 3.77
CA ALA A 246 -3.80 19.79 4.79
C ALA A 246 -2.46 19.41 4.17
N TYR A 247 -2.50 18.84 2.97
CA TYR A 247 -1.27 18.46 2.27
C TYR A 247 -0.40 19.68 2.04
N ALA A 248 -1.02 20.72 1.48
CA ALA A 248 -0.28 21.95 1.22
C ALA A 248 0.23 22.58 2.51
N GLU A 249 -0.59 22.57 3.57
CA GLU A 249 -0.10 23.18 4.80
C GLU A 249 1.10 22.42 5.36
N GLY A 250 1.24 21.16 5.03
CA GLY A 250 2.39 20.40 5.48
C GLY A 250 3.59 20.46 4.56
N GLY A 251 3.54 21.30 3.52
CA GLY A 251 4.64 21.43 2.60
C GLY A 251 4.47 20.69 1.30
N GLY A 252 3.36 19.99 1.11
CA GLY A 252 3.11 19.30 -0.16
C GLY A 252 2.94 20.32 -1.26
N ARG A 253 3.19 19.88 -2.50
CA ARG A 253 3.10 20.78 -3.66
C ARG A 253 2.16 20.19 -4.71
N PRO A 254 0.85 20.18 -4.42
CA PRO A 254 -0.12 19.65 -5.41
C PRO A 254 -0.20 20.59 -6.62
N TRP A 255 -0.60 20.02 -7.75
CA TRP A 255 -0.75 20.77 -9.00
C TRP A 255 -2.21 20.78 -9.42
N PRO A 256 -2.63 21.74 -10.25
CA PRO A 256 -4.07 21.91 -10.50
C PRO A 256 -4.69 20.63 -11.06
N GLY A 257 -3.95 19.94 -11.95
CA GLY A 257 -4.47 18.75 -12.59
C GLY A 257 -4.41 17.50 -11.73
N LEU A 258 -4.03 17.61 -10.46
CA LEU A 258 -3.80 16.41 -9.65
C LEU A 258 -5.11 15.62 -9.45
N ALA A 259 -6.23 16.29 -9.12
CA ALA A 259 -7.46 15.51 -8.89
C ALA A 259 -7.82 14.74 -10.14
N ARG A 260 -7.72 15.38 -11.31
CA ARG A 260 -8.11 14.70 -12.53
C ARG A 260 -7.15 13.56 -12.83
N HIS A 261 -5.86 13.78 -12.56
CA HIS A 261 -4.85 12.74 -12.75
C HIS A 261 -5.23 11.51 -11.92
N CYS A 262 -5.67 11.75 -10.67
CA CYS A 262 -6.07 10.61 -9.81
C CYS A 262 -7.20 9.84 -10.43
N THR A 263 -8.20 10.55 -10.93
CA THR A 263 -9.31 9.82 -11.50
C THR A 263 -8.93 9.10 -12.81
N GLU A 264 -8.06 9.70 -13.67
CA GLU A 264 -7.60 8.97 -14.86
C GLU A 264 -6.77 7.76 -14.47
N MSE A 265 -5.92 7.90 -13.45
CA MSE A 265 -5.08 6.80 -12.99
C MSE A 265 -5.96 5.61 -12.50
O MSE A 265 -5.65 4.45 -12.79
CB MSE A 265 -4.14 7.26 -11.81
CG MSE A 265 -3.32 6.18 -11.27
SE MSE A 265 -2.35 6.95 -9.70
CE MSE A 265 -1.29 8.14 -10.69
N PHE A 266 -7.03 5.92 -11.75
CA PHE A 266 -7.92 4.88 -11.27
C PHE A 266 -8.65 4.20 -12.43
N SER A 267 -9.05 4.96 -13.45
CA SER A 267 -9.66 4.36 -14.62
C SER A 267 -8.75 3.36 -15.31
N ALA A 268 -7.44 3.50 -15.11
CA ALA A 268 -6.45 2.61 -15.71
C ALA A 268 -6.12 1.42 -14.82
N ALA A 269 -6.92 1.17 -13.78
CA ALA A 269 -6.72 -0.03 -12.97
C ALA A 269 -6.64 -1.30 -13.84
N PRO A 270 -7.38 -1.41 -14.95
CA PRO A 270 -7.29 -2.67 -15.73
C PRO A 270 -5.90 -2.93 -16.27
N LEU A 271 -5.07 -1.90 -16.48
CA LEU A 271 -3.70 -2.15 -16.89
C LEU A 271 -2.98 -2.91 -15.79
N GLY A 272 -3.23 -2.53 -14.53
CA GLY A 272 -2.56 -3.26 -13.44
C GLY A 272 -3.05 -4.69 -13.38
N TYR A 273 -4.34 -4.91 -13.65
CA TYR A 273 -4.82 -6.27 -13.67
C TYR A 273 -4.14 -7.05 -14.78
N GLY A 274 -3.97 -6.43 -15.95
CA GLY A 274 -3.29 -7.12 -17.03
C GLY A 274 -1.85 -7.45 -16.68
N LEU A 275 -1.13 -6.48 -16.08
CA LEU A 275 0.26 -6.74 -15.67
C LEU A 275 0.34 -7.85 -14.62
N TYR A 276 -0.62 -7.87 -13.71
CA TYR A 276 -0.61 -8.91 -12.65
C TYR A 276 -0.81 -10.29 -13.26
N ALA A 277 -1.77 -10.39 -14.19
CA ALA A 277 -2.04 -11.65 -14.87
C ALA A 277 -0.83 -12.12 -15.68
N LEU A 278 -0.11 -11.20 -16.30
CA LEU A 278 1.12 -11.54 -17.04
C LEU A 278 2.20 -12.06 -16.09
N ALA A 279 2.19 -11.60 -14.86
CA ALA A 279 3.18 -12.08 -13.89
C ALA A 279 2.79 -13.43 -13.29
N THR A 280 1.51 -13.66 -12.99
CA THR A 280 1.17 -14.92 -12.36
C THR A 280 1.01 -16.03 -13.39
N GLY A 281 0.59 -15.69 -14.60
CA GLY A 281 0.26 -16.73 -15.55
C GLY A 281 -1.03 -17.47 -15.29
N GLU A 282 -1.76 -17.13 -14.23
CA GLU A 282 -2.90 -17.98 -13.91
C GLU A 282 -4.11 -17.66 -14.79
N ALA A 283 -4.90 -18.70 -15.10
CA ALA A 283 -6.00 -18.57 -16.06
C ALA A 283 -7.07 -17.60 -15.56
N ALA A 284 -7.43 -17.71 -14.28
CA ALA A 284 -8.45 -16.83 -13.72
C ALA A 284 -8.01 -15.38 -13.74
N HIS A 285 -6.72 -15.11 -13.53
CA HIS A 285 -6.29 -13.72 -13.56
C HIS A 285 -6.33 -13.17 -14.97
N ARG A 286 -5.95 -13.99 -15.94
CA ARG A 286 -5.96 -13.53 -17.33
C ARG A 286 -7.38 -13.18 -17.75
N GLU A 287 -8.33 -14.01 -17.34
CA GLU A 287 -9.72 -13.81 -17.74
C GLU A 287 -10.32 -12.60 -17.02
N ALA A 288 -9.96 -12.39 -15.73
CA ALA A 288 -10.39 -11.18 -15.05
C ALA A 288 -9.83 -9.92 -15.73
N ALA A 289 -8.53 -9.94 -16.06
CA ALA A 289 -7.93 -8.80 -16.75
C ALA A 289 -8.58 -8.58 -18.12
N ALA A 290 -8.76 -9.66 -18.88
CA ALA A 290 -9.39 -9.53 -20.21
C ALA A 290 -10.75 -8.89 -20.10
N ALA A 291 -11.57 -9.31 -19.12
CA ALA A 291 -12.90 -8.70 -18.99
C ALA A 291 -12.82 -7.23 -18.58
N ALA A 292 -11.85 -6.88 -17.73
CA ALA A 292 -11.72 -5.50 -17.27
C ALA A 292 -11.19 -4.59 -18.37
N LEU A 293 -10.40 -5.14 -19.29
CA LEU A 293 -9.81 -4.35 -20.36
C LEU A 293 -10.77 -4.12 -21.52
N ASN A 294 -11.90 -4.84 -21.60
CA ASN A 294 -12.80 -4.70 -22.75
C ASN A 294 -14.23 -4.81 -22.24
N PRO A 295 -14.62 -3.84 -21.42
CA PRO A 295 -15.93 -3.91 -20.72
C PRO A 295 -17.10 -3.73 -21.67
N PRO A 296 -18.31 -4.27 -21.33
CA PRO A 296 -19.56 -4.25 -22.12
C PRO A 296 -20.00 -2.89 -22.60
MG MG B . -1.48 -4.95 2.84
PB GDP C . -0.17 -8.04 3.44
O1B GDP C . -1.03 -7.09 2.65
O2B GDP C . 1.14 -8.34 2.85
O3B GDP C . -1.05 -9.35 3.62
O3A GDP C . 0.13 -7.42 4.89
PA GDP C . -0.40 -6.14 5.69
O1A GDP C . 0.85 -5.58 6.30
O2A GDP C . -1.22 -5.22 4.82
O5' GDP C . -1.29 -6.67 6.89
C5' GDP C . -2.50 -7.35 6.54
C4' GDP C . -3.66 -6.81 7.35
O4' GDP C . -3.42 -7.11 8.71
C3' GDP C . -3.76 -5.28 7.30
O3' GDP C . -4.48 -4.74 6.16
C2' GDP C . -4.50 -4.99 8.57
O2' GDP C . -5.90 -5.36 8.47
C1' GDP C . -3.90 -6.04 9.52
N9 GDP C . -2.71 -5.52 10.27
C8 GDP C . -1.42 -5.62 9.92
N7 GDP C . -0.64 -5.04 10.89
C5 GDP C . -1.48 -4.54 11.82
C6 GDP C . -1.40 -3.81 13.08
O6 GDP C . -0.28 -3.51 13.56
N1 GDP C . -2.53 -3.52 13.75
C2 GDP C . -3.76 -3.87 13.31
N2 GDP C . -4.83 -3.54 14.04
N3 GDP C . -3.94 -4.51 12.15
C4 GDP C . -2.85 -4.86 11.39
S SO4 D . -18.71 15.36 -5.90
O1 SO4 D . -18.33 16.54 -6.68
O2 SO4 D . -18.77 15.71 -4.48
O3 SO4 D . -20.04 14.95 -6.41
O4 SO4 D . -17.78 14.25 -6.07
S SO4 E . -12.61 4.26 16.92
O1 SO4 E . -11.93 3.43 17.92
O2 SO4 E . -12.60 5.65 17.37
O3 SO4 E . -13.97 3.78 16.68
O4 SO4 E . -11.90 4.13 15.61
S SO4 F . 20.76 7.92 12.27
O1 SO4 F . 20.40 8.79 13.38
O2 SO4 F . 20.56 8.63 11.01
O3 SO4 F . 19.91 6.71 12.27
O4 SO4 F . 22.16 7.52 12.43
C1 ZIT G . -6.10 -9.13 18.57
C2 ZIT G . -6.61 -8.18 17.44
C3 ZIT G . -7.95 -7.69 17.91
C4 ZIT G . -8.99 -8.41 17.02
C5 ZIT G . -10.35 -8.16 17.73
C6 ZIT G . -11.06 -9.47 18.12
C7 ZIT G . -11.11 -10.52 17.00
C8 ZIT G . -11.75 -11.87 17.52
C9 ZIT G . -10.81 -12.80 18.37
N10 ZIT G . -9.37 -13.01 17.81
C11 ZIT G . -8.37 -13.47 18.76
C12 ZIT G . -7.50 -12.31 19.20
C13 ZIT G . -6.02 -12.59 18.98
C14 ZIT G . -5.28 -11.30 19.22
C15 ZIT G . -3.77 -11.48 19.19
C16 ZIT G . -3.12 -10.11 19.60
C17 ZIT G . -5.55 -7.14 17.17
C18 ZIT G . -8.86 -7.90 15.61
C19 ZIT G . -12.46 -9.29 18.72
C20 ZIT G . -12.37 -12.57 16.39
C21 ZIT G . -9.36 -14.04 16.77
C22 ZIT G . -8.99 -14.15 19.96
C23 ZIT G . -5.80 -13.09 17.55
O1 ZIT G . -6.16 -8.80 19.74
O6 ZIT G . -10.23 -9.96 19.15
O12 ZIT G . -7.70 -12.07 20.56
O13 ZIT G . -5.58 -13.62 19.90
O14 ZIT G . -5.59 -10.45 18.12
C1A ZIT G . -12.18 -6.94 16.41
C2A ZIT G . -12.55 -5.47 16.46
C3A ZIT G . -13.29 -4.98 15.27
C4A ZIT G . -12.58 -5.39 14.04
C5A ZIT G . -12.56 -6.90 13.98
C6A ZIT G . -11.96 -7.36 12.71
C7A ZIT G . -13.56 -2.94 13.98
C8A ZIT G . -14.67 -3.12 16.05
O1A ZIT G . -11.05 -7.01 17.23
O2A ZIT G . -13.29 -5.26 17.67
N3A ZIT G . -13.46 -3.49 15.31
O5A ZIT G . -11.79 -7.47 15.10
C1B ZIT G . -7.85 -5.53 18.99
C2B ZIT G . -7.53 -4.10 18.65
C3B ZIT G . -8.76 -3.28 18.34
C4B ZIT G . -9.81 -3.46 19.39
C5B ZIT G . -10.17 -4.92 19.54
C6B ZIT G . -11.22 -5.08 20.62
C7B ZIT G . -8.39 -1.75 18.23
C8B ZIT G . -8.55 -3.52 15.91
O1B ZIT G . -8.10 -6.25 17.81
O3B ZIT G . -9.31 -3.71 17.10
O4B ZIT G . -11.00 -2.73 19.03
O5B ZIT G . -9.01 -5.71 19.91
C1 ZIT H . -1.90 8.54 19.15
C2 ZIT H . -0.66 7.97 18.36
C3 ZIT H . 0.56 8.70 18.87
C4 ZIT H . 1.25 9.44 17.68
C5 ZIT H . 2.36 10.38 18.21
C6 ZIT H . 1.78 11.77 18.36
C7 ZIT H . 1.58 12.46 16.99
C8 ZIT H . 0.94 13.90 17.09
C9 ZIT H . -0.58 13.88 16.77
N10 ZIT H . -1.39 13.41 18.01
C11 ZIT H . -2.71 12.89 17.64
C12 ZIT H . -3.00 11.67 18.51
C13 ZIT H . -4.22 10.83 18.11
C14 ZIT H . -4.10 9.55 18.92
C15 ZIT H . -5.40 8.76 18.90
C16 ZIT H . -5.16 7.40 19.66
C17 ZIT H . -0.69 6.48 18.47
C18 ZIT H . 1.74 8.39 16.72
C19 ZIT H . 2.75 12.58 19.21
C20 ZIT H . 1.56 14.79 16.11
C21 ZIT H . -1.43 14.50 19.00
C22 ZIT H . -3.79 13.96 17.72
C23 ZIT H . -4.21 10.53 16.61
O1 ZIT H . -1.89 8.83 20.34
O6 ZIT H . 0.51 11.76 19.03
O12 ZIT H . -3.09 12.04 19.87
O13 ZIT H . -5.45 11.48 18.45
O14 ZIT H . -3.11 8.71 18.29
C1A ZIT H . 4.62 9.69 17.60
C2A ZIT H . 5.55 9.56 16.43
C3A ZIT H . 6.75 8.76 16.85
C4A ZIT H . 7.39 9.39 18.03
C5A ZIT H . 6.41 9.55 19.21
C6A ZIT H . 6.96 10.32 20.34
C7A ZIT H . 8.31 9.93 15.28
C8A ZIT H . 8.80 7.69 15.83
O1A ZIT H . 3.46 10.44 17.29
O2A ZIT H . 4.90 8.84 15.35
N3A ZIT H . 7.68 8.67 15.66
O5A ZIT H . 5.29 10.37 18.71
C1B ZIT H . 1.27 7.65 20.89
C2B ZIT H . 1.95 6.41 21.39
C3B ZIT H . 3.41 6.60 21.64
C4B ZIT H . 3.69 7.83 22.44
C5B ZIT H . 3.10 9.04 21.76
C6B ZIT H . 3.36 10.25 22.60
C7B ZIT H . 3.98 5.34 22.38
C8B ZIT H . 3.97 5.70 19.46
O1B ZIT H . 1.52 7.83 19.50
O3B ZIT H . 4.09 6.78 20.37
O4B ZIT H . 5.11 8.02 22.51
O5B ZIT H . 1.65 8.91 21.60
P PO4 I . -0.20 -8.21 -1.47
O1 PO4 I . -0.01 -7.10 -0.46
O2 PO4 I . -1.36 -9.08 -1.07
O3 PO4 I . -0.48 -7.60 -2.83
O4 PO4 I . 1.05 -9.05 -1.56
CL CL J . 1.47 -19.80 3.14
CL CL K . 5.22 6.06 -9.51
C1 PGE L . -1.67 1.83 -8.66
O1 PGE L . -2.76 2.43 -9.35
C2 PGE L . -1.46 2.51 -7.31
O2 PGE L . -2.66 2.41 -6.51
C3 PGE L . -2.39 2.82 -5.13
C4 PGE L . -3.69 2.67 -4.33
O4 PGE L . -7.08 -0.66 -3.72
C6 PGE L . -5.71 -0.43 -4.17
C5 PGE L . -5.34 1.05 -4.00
O3 PGE L . -4.02 1.29 -4.46
C1 GOL M . 2.08 1.58 -12.03
O1 GOL M . 1.58 0.93 -13.17
C2 GOL M . 3.46 2.11 -12.36
O2 GOL M . 3.33 2.82 -13.56
C3 GOL M . 3.96 3.03 -11.26
O3 GOL M . 5.32 3.31 -11.52
#